data_5AJM
#
_entry.id   5AJM
#
_cell.length_a   101.580
_cell.length_b   101.580
_cell.length_c   452.980
_cell.angle_alpha   90.00
_cell.angle_beta   90.00
_cell.angle_gamma   120.00
#
_symmetry.space_group_name_H-M   'H 3 2'
#
loop_
_entity.id
_entity.type
_entity.pdbx_description
1 polymer 'HAEMAGGLUTININ HA1'
2 polymer 'HAEMAGGLUTININ HA2'
3 branched 2-acetamido-2-deoxy-beta-D-glucopyranose-(1-4)-2-acetamido-2-deoxy-beta-D-glucopyranose
4 branched alpha-D-mannopyranose-(1-3)-[alpha-D-mannopyranose-(1-6)]beta-D-mannopyranose-(1-4)-2-acetamido-2-deoxy-beta-D-glucopyranose-(1-4)-2-acetamido-2-deoxy-beta-D-glucopyranose
5 branched 'N-acetyl-alpha-neuraminic acid-(2-3)-beta-D-galactopyranose-(1-4)-2-acetamido-2-deoxy-beta-D-glucopyranose'
6 branched beta-D-mannopyranose-(1-4)-2-acetamido-2-deoxy-beta-D-glucopyranose-(1-4)-2-acetamido-2-deoxy-beta-D-glucopyranose
7 non-polymer 2-acetamido-2-deoxy-beta-D-glucopyranose
8 non-polymer '3[N-MORPHOLINO]PROPANE SULFONIC ACID'
9 water water
#
loop_
_entity_poly.entity_id
_entity_poly.type
_entity_poly.pdbx_seq_one_letter_code
_entity_poly.pdbx_strand_id
1 'polypeptide(L)'
;DQICIGYHANNSTEQVDTIMEKNVTVTHAQDILEKTHNGKLCDLDGVKPLILRDCSVAGWLLGNPMCDEFINVPEWSYIV
EKANPVNDLCYPGDFNDYEELKHLLSRINHFEKIQIIPKSSWSSHEASLGVSSACPYQGKSSFFRNVVWLIKKNSTYPTI
KRSYNNTNQEDLLVLWGIHHPKDAAEQTKLYQNPTTYISVGTSTLNQRLVPRIATRSKVNGQSGRMEFFWTILKPNDAIN
FESNGNFIAPEYAYKIVKKGDSTIMKSELEYGNCNTKCQTPMGAINSSMPFHNIHPLTIGECPKYVKSNRLVLATGLRNS
PQRETR
;
A
2 'polypeptide(L)'
;GLFGAIAGFIEGGWQGMVDGWYGYHHSNEQGSGYAADKESTQKAIDGVTNKVNSIIDKMNTQFEAVGREFNNLERRIENL
NKKMEDGFLDVWTYNAELLVLMENERTLDFHDSNVKNLYDKVRLQLRDNAKELGNGCFEFYHKCDNECMESVRNGTYDYP
QYSEEA
;
B
#
loop_
_chem_comp.id
_chem_comp.type
_chem_comp.name
_chem_comp.formula
BMA D-saccharide, beta linking beta-D-mannopyranose 'C6 H12 O6'
GAL D-saccharide, beta linking beta-D-galactopyranose 'C6 H12 O6'
MAN D-saccharide, alpha linking alpha-D-mannopyranose 'C6 H12 O6'
MPO non-polymer '3[N-MORPHOLINO]PROPANE SULFONIC ACID' 'C7 H15 N O4 S'
NAG D-saccharide, beta linking 2-acetamido-2-deoxy-beta-D-glucopyranose 'C8 H15 N O6'
SIA D-saccharide, alpha linking 'N-acetyl-alpha-neuraminic acid' 'C11 H19 N O9'
#
# COMPACT_ATOMS: atom_id res chain seq x y z
N ASP A 1 -4.17 -53.93 33.78
CA ASP A 1 -3.43 -52.63 33.71
C ASP A 1 -3.05 -52.34 32.27
N GLN A 2 -3.18 -51.07 31.88
CA GLN A 2 -2.85 -50.67 30.52
C GLN A 2 -2.27 -49.27 30.43
N ILE A 3 -1.52 -49.06 29.34
CA ILE A 3 -1.02 -47.76 28.96
C ILE A 3 -1.45 -47.50 27.52
N CYS A 4 -1.90 -46.28 27.24
CA CYS A 4 -2.46 -45.92 25.96
C CYS A 4 -1.69 -44.75 25.39
N ILE A 5 -1.60 -44.68 24.06
CA ILE A 5 -1.04 -43.51 23.41
C ILE A 5 -2.18 -42.73 22.81
N GLY A 6 -2.09 -41.41 22.87
CA GLY A 6 -3.17 -40.55 22.40
C GLY A 6 -2.72 -39.13 22.17
N TYR A 7 -3.68 -38.28 21.86
CA TYR A 7 -3.39 -36.93 21.44
C TYR A 7 -4.43 -35.95 21.95
N HIS A 8 -4.05 -34.68 21.93
CA HIS A 8 -4.82 -33.57 22.50
C HIS A 8 -6.13 -33.34 21.76
N ALA A 9 -7.17 -32.97 22.51
CA ALA A 9 -8.39 -32.42 21.95
C ALA A 9 -8.81 -31.24 22.80
N ASN A 10 -9.68 -30.39 22.28
CA ASN A 10 -10.18 -29.25 23.05
C ASN A 10 -11.50 -28.77 22.47
N ASN A 11 -11.97 -27.60 22.91
CA ASN A 11 -13.27 -27.08 22.49
C ASN A 11 -13.21 -26.16 21.27
N SER A 12 -12.10 -26.21 20.54
CA SER A 12 -11.88 -25.32 19.41
C SER A 12 -12.85 -25.62 18.27
N THR A 13 -13.33 -24.53 17.64
CA THR A 13 -14.15 -24.61 16.44
C THR A 13 -13.44 -23.99 15.24
N GLU A 14 -12.19 -23.55 15.42
CA GLU A 14 -11.36 -23.04 14.33
C GLU A 14 -11.23 -24.08 13.23
N GLN A 15 -11.30 -23.64 11.97
CA GLN A 15 -11.26 -24.53 10.81
C GLN A 15 -10.21 -24.07 9.82
N VAL A 16 -9.60 -25.02 9.12
CA VAL A 16 -8.65 -24.70 8.07
C VAL A 16 -8.98 -25.51 6.83
N ASP A 17 -8.50 -25.05 5.68
CA ASP A 17 -8.67 -25.78 4.42
C ASP A 17 -7.38 -26.47 4.02
N THR A 18 -7.53 -27.62 3.37
CA THR A 18 -6.44 -28.34 2.73
C THR A 18 -6.85 -28.64 1.30
N ILE A 19 -5.97 -29.27 0.53
CA ILE A 19 -6.27 -29.60 -0.87
C ILE A 19 -7.42 -30.60 -0.98
N MET A 20 -7.40 -31.62 -0.12
CA MET A 20 -8.37 -32.72 -0.20
C MET A 20 -9.61 -32.52 0.65
N GLU A 21 -9.56 -31.60 1.59
CA GLU A 21 -10.67 -31.42 2.52
C GLU A 21 -10.77 -29.97 2.97
N LYS A 22 -11.99 -29.47 2.98
CA LYS A 22 -12.25 -28.10 3.40
C LYS A 22 -12.91 -28.14 4.75
N ASN A 23 -12.71 -27.07 5.52
CA ASN A 23 -13.37 -26.93 6.82
C ASN A 23 -13.04 -28.03 7.81
N VAL A 24 -11.76 -28.36 7.93
CA VAL A 24 -11.25 -29.29 8.93
C VAL A 24 -11.11 -28.56 10.26
N THR A 25 -11.81 -29.02 11.30
CA THR A 25 -11.68 -28.41 12.63
C THR A 25 -10.37 -28.79 13.28
N VAL A 26 -9.64 -27.80 13.77
CA VAL A 26 -8.35 -28.04 14.40
C VAL A 26 -8.27 -27.45 15.80
N THR A 27 -7.37 -28.00 16.60
CA THR A 27 -7.21 -27.59 17.99
C THR A 27 -6.64 -26.19 18.10
N HIS A 28 -5.75 -25.84 17.17
CA HIS A 28 -5.15 -24.52 17.11
C HIS A 28 -4.86 -24.10 15.68
N ALA A 29 -4.95 -22.80 15.44
CA ALA A 29 -4.73 -22.21 14.12
C ALA A 29 -4.23 -20.78 14.27
N GLN A 30 -3.68 -20.25 13.19
CA GLN A 30 -3.17 -18.89 13.19
C GLN A 30 -3.61 -18.13 11.93
N ASP A 31 -4.46 -17.12 12.13
CA ASP A 31 -4.87 -16.23 11.06
C ASP A 31 -3.67 -15.36 10.67
N ILE A 32 -3.43 -15.20 9.37
CA ILE A 32 -2.32 -14.38 8.89
C ILE A 32 -2.73 -13.27 7.92
N LEU A 33 -4.03 -12.99 7.85
CA LEU A 33 -4.57 -11.97 6.95
C LEU A 33 -5.28 -10.89 7.75
N GLU A 34 -4.79 -9.66 7.65
CA GLU A 34 -5.47 -8.52 8.27
C GLU A 34 -6.66 -8.09 7.40
N LYS A 35 -7.84 -8.05 8.00
CA LYS A 35 -9.08 -7.76 7.27
C LYS A 35 -9.71 -6.41 7.64
N THR A 36 -9.22 -5.77 8.70
CA THR A 36 -9.82 -4.54 9.19
C THR A 36 -8.92 -3.33 9.00
N HIS A 37 -9.58 -2.17 8.86
CA HIS A 37 -8.92 -0.85 8.82
C HIS A 37 -9.79 0.11 9.64
N ASN A 38 -9.25 1.29 9.97
CA ASN A 38 -9.98 2.26 10.81
C ASN A 38 -10.87 3.24 10.03
N GLY A 39 -10.79 3.19 8.71
CA GLY A 39 -11.72 3.93 7.84
C GLY A 39 -11.38 5.40 7.66
N LYS A 40 -10.15 5.78 8.03
CA LYS A 40 -9.76 7.18 8.10
C LYS A 40 -8.41 7.46 7.42
N LEU A 41 -8.25 8.69 6.96
CA LEU A 41 -6.95 9.19 6.51
C LEU A 41 -6.22 9.76 7.72
N CYS A 42 -4.96 9.35 7.90
CA CYS A 42 -4.23 9.64 9.12
C CYS A 42 -2.84 10.14 8.85
N ASP A 43 -2.24 10.74 9.87
CA ASP A 43 -0.83 11.10 9.83
C ASP A 43 -0.03 9.82 9.64
N LEU A 44 0.98 9.87 8.77
CA LEU A 44 1.93 8.79 8.64
C LEU A 44 3.12 9.07 9.54
N ASP A 45 3.32 8.23 10.56
CA ASP A 45 4.48 8.33 11.43
C ASP A 45 4.63 9.75 12.01
N GLY A 46 3.49 10.35 12.37
CA GLY A 46 3.45 11.70 12.90
C GLY A 46 3.31 12.80 11.85
N VAL A 47 3.81 12.54 10.64
CA VAL A 47 3.87 13.55 9.57
C VAL A 47 2.56 13.59 8.78
N LYS A 48 1.83 14.70 8.90
CA LYS A 48 0.51 14.84 8.27
C LYS A 48 0.56 14.87 6.74
N PRO A 49 -0.45 14.25 6.08
CA PRO A 49 -0.51 14.33 4.62
C PRO A 49 -1.06 15.66 4.12
N LEU A 50 -0.75 15.99 2.87
CA LEU A 50 -1.34 17.12 2.19
C LEU A 50 -2.69 16.70 1.64
N ILE A 51 -3.77 17.23 2.21
CA ILE A 51 -5.12 16.89 1.76
C ILE A 51 -5.67 18.05 0.93
N LEU A 52 -5.58 17.89 -0.39
CA LEU A 52 -5.94 18.94 -1.33
C LEU A 52 -7.43 19.29 -1.36
N ARG A 53 -8.25 18.45 -0.73
CA ARG A 53 -9.68 18.74 -0.54
C ARG A 53 -10.40 18.82 -1.90
N ASP A 54 -10.96 19.97 -2.25
CA ASP A 54 -11.60 20.14 -3.55
C ASP A 54 -10.63 20.61 -4.65
N CYS A 55 -9.38 20.90 -4.29
CA CYS A 55 -8.39 21.34 -5.29
C CYS A 55 -7.66 20.15 -5.92
N SER A 56 -7.20 20.34 -7.15
CA SER A 56 -6.33 19.39 -7.83
C SER A 56 -4.88 19.82 -7.64
N VAL A 57 -3.96 19.02 -8.15
CA VAL A 57 -2.53 19.33 -8.07
C VAL A 57 -2.22 20.56 -8.93
N ALA A 58 -2.91 20.69 -10.06
CA ALA A 58 -2.75 21.85 -10.93
C ALA A 58 -3.25 23.13 -10.24
N GLY A 59 -4.47 23.07 -9.72
CA GLY A 59 -5.07 24.19 -8.98
C GLY A 59 -4.17 24.64 -7.84
N TRP A 60 -3.60 23.67 -7.13
CA TRP A 60 -2.65 23.96 -6.07
C TRP A 60 -1.40 24.67 -6.61
N LEU A 61 -0.72 24.05 -7.57
CA LEU A 61 0.59 24.53 -8.01
C LEU A 61 0.55 25.86 -8.74
N LEU A 62 -0.44 26.01 -9.62
CA LEU A 62 -0.66 27.28 -10.32
C LEU A 62 -1.19 28.38 -9.39
N GLY A 63 -1.82 27.98 -8.29
CA GLY A 63 -2.36 28.92 -7.32
C GLY A 63 -3.76 29.39 -7.69
N ASN A 64 -4.63 28.45 -8.06
CA ASN A 64 -6.05 28.72 -8.27
C ASN A 64 -6.56 29.51 -7.06
N PRO A 65 -7.25 30.64 -7.30
CA PRO A 65 -7.66 31.53 -6.20
C PRO A 65 -8.60 30.89 -5.17
N MET A 66 -9.26 29.79 -5.52
CA MET A 66 -10.06 29.01 -4.59
C MET A 66 -9.23 28.02 -3.75
N CYS A 67 -7.90 28.06 -3.90
CA CYS A 67 -7.00 27.13 -3.22
C CYS A 67 -5.98 27.86 -2.35
N ASP A 68 -6.43 28.92 -1.69
CA ASP A 68 -5.57 29.72 -0.82
C ASP A 68 -5.18 28.97 0.46
N GLU A 69 -5.99 27.99 0.85
CA GLU A 69 -5.65 27.08 1.94
C GLU A 69 -4.24 26.49 1.76
N PHE A 70 -3.89 26.19 0.50
CA PHE A 70 -2.61 25.56 0.17
C PHE A 70 -1.60 26.53 -0.43
N ILE A 71 -1.70 27.81 -0.05
CA ILE A 71 -0.79 28.82 -0.56
C ILE A 71 0.64 28.62 -0.04
N ASN A 72 0.76 28.09 1.17
CA ASN A 72 2.07 27.66 1.70
C ASN A 72 1.93 26.45 2.63
N VAL A 73 2.17 25.27 2.06
CA VAL A 73 1.93 24.02 2.76
C VAL A 73 3.23 23.45 3.34
N PRO A 74 3.19 23.01 4.62
CA PRO A 74 4.37 22.40 5.22
C PRO A 74 4.65 21.05 4.58
N GLU A 75 5.77 20.43 4.96
CA GLU A 75 6.16 19.16 4.37
C GLU A 75 5.12 18.07 4.67
N TRP A 76 4.96 17.15 3.72
CA TRP A 76 3.93 16.12 3.81
C TRP A 76 4.54 14.72 3.73
N SER A 77 3.75 13.74 4.15
CA SER A 77 4.13 12.34 4.06
C SER A 77 3.61 11.77 2.74
N TYR A 78 2.35 12.08 2.45
CA TYR A 78 1.72 11.68 1.20
C TYR A 78 0.67 12.72 0.82
N ILE A 79 0.16 12.64 -0.40
CA ILE A 79 -0.80 13.62 -0.89
C ILE A 79 -2.13 12.94 -1.18
N VAL A 80 -3.23 13.64 -0.91
CA VAL A 80 -4.56 13.07 -1.14
C VAL A 80 -5.41 13.95 -2.05
N GLU A 81 -5.74 13.42 -3.21
CA GLU A 81 -6.50 14.11 -4.23
C GLU A 81 -7.80 13.35 -4.49
N LYS A 82 -8.91 14.05 -4.66
CA LYS A 82 -10.17 13.42 -5.03
C LYS A 82 -10.13 12.93 -6.47
N ALA A 83 -11.05 12.04 -6.82
CA ALA A 83 -11.14 11.50 -8.18
C ALA A 83 -11.48 12.58 -9.21
N ASN A 84 -12.36 13.52 -8.83
CA ASN A 84 -12.76 14.61 -9.72
C ASN A 84 -12.86 15.96 -8.99
N PRO A 85 -11.70 16.54 -8.61
CA PRO A 85 -11.71 17.81 -7.87
C PRO A 85 -12.35 18.93 -8.69
N VAL A 86 -13.18 19.76 -8.06
CA VAL A 86 -13.88 20.83 -8.78
C VAL A 86 -12.98 22.04 -9.10
N ASN A 87 -12.00 22.32 -8.23
CA ASN A 87 -11.07 23.44 -8.41
C ASN A 87 -9.79 23.00 -9.11
N ASP A 88 -9.89 22.80 -10.42
CA ASP A 88 -8.74 22.43 -11.24
C ASP A 88 -8.30 23.70 -11.98
N LEU A 89 -8.34 23.69 -13.31
CA LEU A 89 -8.06 24.88 -14.10
C LEU A 89 -9.35 25.72 -14.19
N CYS A 90 -9.40 26.80 -13.40
CA CYS A 90 -10.58 27.67 -13.37
C CYS A 90 -10.81 28.32 -14.73
N TYR A 91 -9.76 28.90 -15.30
CA TYR A 91 -9.76 29.31 -16.70
C TYR A 91 -9.42 28.07 -17.52
N PRO A 92 -10.26 27.71 -18.51
CA PRO A 92 -10.08 26.45 -19.22
C PRO A 92 -8.78 26.38 -20.01
N GLY A 93 -8.28 25.16 -20.19
CA GLY A 93 -7.07 24.93 -20.98
C GLY A 93 -6.44 23.59 -20.73
N ASP A 94 -5.11 23.58 -20.69
CA ASP A 94 -4.34 22.37 -20.50
C ASP A 94 -3.15 22.62 -19.62
N PHE A 95 -2.69 21.56 -18.98
CA PHE A 95 -1.45 21.57 -18.23
C PHE A 95 -0.56 20.55 -18.95
N ASN A 96 0.46 21.06 -19.62
CA ASN A 96 1.34 20.22 -20.43
C ASN A 96 2.20 19.27 -19.57
N ASP A 97 2.33 18.04 -20.04
CA ASP A 97 3.05 16.96 -19.32
C ASP A 97 2.65 16.88 -17.84
N TYR A 98 1.35 16.96 -17.60
CA TYR A 98 0.80 17.00 -16.25
C TYR A 98 1.09 15.70 -15.48
N GLU A 99 0.91 14.58 -16.17
CA GLU A 99 1.07 13.28 -15.54
C GLU A 99 2.52 13.04 -15.16
N GLU A 100 3.45 13.45 -16.03
CA GLU A 100 4.87 13.35 -15.72
C GLU A 100 5.26 14.23 -14.53
N LEU A 101 4.55 15.33 -14.33
CA LEU A 101 4.81 16.19 -13.17
C LEU A 101 4.31 15.56 -11.89
N LYS A 102 3.09 15.05 -11.91
CA LYS A 102 2.53 14.35 -10.76
C LYS A 102 3.41 13.16 -10.36
N HIS A 103 4.00 12.49 -11.34
CA HIS A 103 4.97 11.43 -11.04
C HIS A 103 6.18 11.99 -10.32
N LEU A 104 6.63 13.16 -10.73
CA LEU A 104 7.75 13.84 -10.10
C LEU A 104 7.47 14.10 -8.62
N LEU A 105 6.21 14.43 -8.33
CA LEU A 105 5.75 14.71 -6.95
C LEU A 105 5.76 13.52 -6.01
N SER A 106 5.79 12.31 -6.57
CA SER A 106 5.86 11.10 -5.76
CA SER A 106 5.85 11.11 -5.73
C SER A 106 7.23 10.95 -5.10
N ARG A 107 8.20 11.73 -5.57
CA ARG A 107 9.55 11.77 -5.01
C ARG A 107 9.82 13.09 -4.27
N ILE A 108 8.76 13.80 -3.90
CA ILE A 108 8.89 15.10 -3.22
C ILE A 108 8.01 15.17 -1.97
N ASN A 109 8.58 15.64 -0.87
CA ASN A 109 7.86 15.81 0.40
C ASN A 109 7.65 17.27 0.80
N HIS A 110 8.41 18.19 0.22
CA HIS A 110 8.32 19.59 0.61
C HIS A 110 8.76 20.58 -0.46
N PHE A 111 7.90 21.54 -0.74
CA PHE A 111 8.23 22.69 -1.59
C PHE A 111 8.42 23.93 -0.73
N GLU A 112 9.27 24.86 -1.18
CA GLU A 112 9.35 26.20 -0.59
C GLU A 112 9.09 27.22 -1.69
N LYS A 113 7.96 27.91 -1.60
CA LYS A 113 7.59 28.89 -2.61
C LYS A 113 8.44 30.15 -2.49
N ILE A 114 9.01 30.59 -3.61
CA ILE A 114 9.76 31.84 -3.65
C ILE A 114 9.41 32.65 -4.89
N GLN A 115 9.67 33.95 -4.81
CA GLN A 115 9.39 34.89 -5.90
C GLN A 115 10.62 35.03 -6.79
N ILE A 116 10.42 34.87 -8.09
CA ILE A 116 11.52 34.99 -9.06
C ILE A 116 11.37 36.23 -9.98
N ILE A 117 10.15 36.54 -10.40
CA ILE A 117 9.89 37.76 -11.16
C ILE A 117 8.76 38.54 -10.50
N PRO A 118 9.12 39.58 -9.70
CA PRO A 118 8.14 40.40 -8.98
C PRO A 118 7.06 40.98 -9.88
N LYS A 119 5.81 40.94 -9.39
CA LYS A 119 4.67 41.42 -10.15
C LYS A 119 4.78 42.90 -10.46
N SER A 120 5.40 43.64 -9.55
CA SER A 120 5.52 45.09 -9.67
C SER A 120 6.86 45.50 -10.28
N SER A 121 7.44 44.64 -11.11
CA SER A 121 8.65 44.97 -11.87
C SER A 121 8.39 45.01 -13.38
N TRP A 122 7.12 44.92 -13.77
CA TRP A 122 6.72 44.98 -15.18
C TRP A 122 6.32 46.41 -15.53
N SER A 123 7.31 47.28 -15.65
CA SER A 123 7.07 48.71 -15.85
C SER A 123 6.58 49.05 -17.27
N SER A 124 6.95 48.22 -18.25
CA SER A 124 6.57 48.45 -19.66
C SER A 124 5.27 47.76 -20.07
N HIS A 125 4.66 47.02 -19.15
CA HIS A 125 3.42 46.27 -19.43
C HIS A 125 2.46 46.37 -18.27
N GLU A 126 1.17 46.25 -18.56
CA GLU A 126 0.16 46.21 -17.51
C GLU A 126 0.16 44.82 -16.89
N ALA A 127 0.33 44.77 -15.58
CA ALA A 127 0.47 43.50 -14.87
C ALA A 127 -0.53 43.33 -13.72
N SER A 128 -1.56 44.17 -13.68
CA SER A 128 -2.57 44.09 -12.63
C SER A 128 -4.01 44.03 -13.16
N LEU A 129 -4.16 43.80 -14.46
CA LEU A 129 -5.47 43.63 -15.09
C LEU A 129 -5.63 42.23 -15.70
N GLY A 130 -4.73 41.32 -15.35
CA GLY A 130 -4.71 39.96 -15.89
C GLY A 130 -5.63 39.01 -15.15
N VAL A 131 -6.93 39.29 -15.22
CA VAL A 131 -7.96 38.58 -14.45
C VAL A 131 -9.12 38.12 -15.33
N SER A 132 -9.99 37.28 -14.78
CA SER A 132 -11.15 36.74 -15.49
C SER A 132 -12.26 36.32 -14.53
N SER A 133 -13.49 36.36 -15.03
CA SER A 133 -14.66 35.95 -14.24
C SER A 133 -14.71 34.43 -14.01
N ALA A 134 -13.98 33.66 -14.80
CA ALA A 134 -13.88 32.21 -14.62
C ALA A 134 -13.07 31.83 -13.37
N CYS A 135 -12.20 32.73 -12.90
CA CYS A 135 -11.45 32.53 -11.67
C CYS A 135 -11.84 33.58 -10.61
N PRO A 136 -13.02 33.41 -9.99
CA PRO A 136 -13.51 34.38 -9.02
C PRO A 136 -12.86 34.26 -7.65
N TYR A 137 -12.85 35.36 -6.90
CA TYR A 137 -12.39 35.38 -5.52
C TYR A 137 -13.13 36.47 -4.74
N GLN A 138 -13.88 36.08 -3.73
CA GLN A 138 -14.69 37.00 -2.92
C GLN A 138 -15.56 37.93 -3.78
N GLY A 139 -16.16 37.37 -4.82
CA GLY A 139 -17.09 38.10 -5.68
C GLY A 139 -16.46 38.83 -6.85
N LYS A 140 -15.13 38.95 -6.83
CA LYS A 140 -14.41 39.71 -7.85
C LYS A 140 -13.62 38.77 -8.76
N SER A 141 -13.30 39.26 -9.95
CA SER A 141 -12.51 38.49 -10.92
C SER A 141 -11.05 38.42 -10.47
N SER A 142 -10.47 37.23 -10.54
CA SER A 142 -9.11 37.01 -10.09
C SER A 142 -8.37 36.14 -11.09
N PHE A 143 -7.27 35.51 -10.67
CA PHE A 143 -6.48 34.64 -11.56
C PHE A 143 -5.52 33.78 -10.75
N PHE A 144 -5.01 32.73 -11.39
CA PHE A 144 -3.95 31.91 -10.81
C PHE A 144 -2.89 32.79 -10.16
N ARG A 145 -2.75 32.71 -8.84
CA ARG A 145 -1.91 33.63 -8.08
C ARG A 145 -0.41 33.56 -8.39
N ASN A 146 0.07 32.43 -8.90
CA ASN A 146 1.51 32.21 -9.05
C ASN A 146 2.08 32.66 -10.38
N VAL A 147 1.20 33.02 -11.31
CA VAL A 147 1.64 33.54 -12.61
C VAL A 147 0.90 34.83 -12.97
N VAL A 148 1.57 35.68 -13.76
CA VAL A 148 1.07 37.01 -14.09
C VAL A 148 0.60 37.05 -15.54
N TRP A 149 -0.69 37.31 -15.74
CA TRP A 149 -1.25 37.47 -17.09
C TRP A 149 -1.05 38.92 -17.57
N LEU A 150 0.01 39.14 -18.34
CA LEU A 150 0.41 40.48 -18.77
C LEU A 150 -0.35 40.90 -20.02
N ILE A 151 -0.77 42.17 -20.06
CA ILE A 151 -1.37 42.77 -21.26
C ILE A 151 -0.67 44.08 -21.65
N LYS A 152 -1.08 44.64 -22.77
CA LYS A 152 -0.51 45.89 -23.30
C LYS A 152 -0.76 47.10 -22.38
N LYS A 153 0.17 48.05 -22.41
CA LYS A 153 0.03 49.30 -21.65
C LYS A 153 0.12 50.50 -22.59
N ASN A 154 -0.92 51.33 -22.57
CA ASN A 154 -1.09 52.46 -23.51
C ASN A 154 -0.95 52.02 -24.98
N SER A 155 -1.65 50.95 -25.33
CA SER A 155 -1.73 50.43 -26.71
C SER A 155 -0.39 49.98 -27.31
N THR A 156 0.50 49.45 -26.48
CA THR A 156 1.74 48.84 -26.96
C THR A 156 2.12 47.65 -26.09
N TYR A 157 2.60 46.59 -26.73
CA TYR A 157 3.18 45.45 -26.04
C TYR A 157 4.61 45.30 -26.58
N PRO A 158 5.58 45.93 -25.91
CA PRO A 158 6.95 45.80 -26.38
C PRO A 158 7.54 44.45 -26.01
N THR A 159 8.57 44.03 -26.71
CA THR A 159 9.17 42.72 -26.48
C THR A 159 9.69 42.62 -25.05
N ILE A 160 9.43 41.48 -24.42
CA ILE A 160 9.91 41.15 -23.08
C ILE A 160 11.19 40.33 -23.21
N LYS A 161 12.22 40.71 -22.46
CA LYS A 161 13.44 39.89 -22.37
C LYS A 161 13.82 39.78 -20.90
N ARG A 162 13.38 38.70 -20.25
CA ARG A 162 13.62 38.52 -18.83
C ARG A 162 14.30 37.18 -18.55
N SER A 163 15.25 37.21 -17.62
CA SER A 163 16.09 36.07 -17.31
C SER A 163 16.14 35.87 -15.79
N TYR A 164 15.99 34.63 -15.35
CA TYR A 164 16.20 34.31 -13.93
C TYR A 164 17.29 33.26 -13.77
N ASN A 165 18.21 33.53 -12.85
CA ASN A 165 19.35 32.65 -12.58
C ASN A 165 19.11 31.95 -11.25
N ASN A 166 19.12 30.62 -11.27
CA ASN A 166 18.90 29.83 -10.06
C ASN A 166 20.15 29.81 -9.18
N THR A 167 20.24 30.80 -8.28
CA THR A 167 21.34 30.87 -7.31
C THR A 167 21.08 30.03 -6.06
N ASN A 168 19.91 29.40 -5.98
CA ASN A 168 19.58 28.52 -4.88
C ASN A 168 20.36 27.21 -5.03
N GLN A 169 20.58 26.53 -3.92
CA GLN A 169 21.19 25.20 -3.95
C GLN A 169 20.25 24.11 -4.47
N GLU A 170 18.93 24.35 -4.38
CA GLU A 170 17.92 23.33 -4.68
C GLU A 170 17.26 23.50 -6.05
N ASP A 171 17.09 22.38 -6.77
CA ASP A 171 16.28 22.31 -8.01
C ASP A 171 15.04 23.17 -7.86
N LEU A 172 14.61 23.79 -8.96
CA LEU A 172 13.47 24.70 -8.93
C LEU A 172 12.40 24.36 -9.99
N LEU A 173 11.16 24.20 -9.53
CA LEU A 173 10.03 23.99 -10.43
C LEU A 173 9.48 25.33 -10.90
N VAL A 174 9.63 25.61 -12.19
CA VAL A 174 9.17 26.86 -12.78
C VAL A 174 7.95 26.60 -13.66
N LEU A 175 6.89 27.38 -13.44
CA LEU A 175 5.66 27.30 -14.21
C LEU A 175 5.42 28.57 -15.01
N TRP A 176 4.93 28.43 -16.23
CA TRP A 176 4.49 29.57 -17.03
C TRP A 176 3.37 29.15 -17.97
N GLY A 177 2.85 30.07 -18.76
CA GLY A 177 1.77 29.75 -19.68
C GLY A 177 1.66 30.65 -20.90
N ILE A 178 0.86 30.20 -21.85
CA ILE A 178 0.52 30.96 -23.04
C ILE A 178 -0.99 31.06 -23.14
N HIS A 179 -1.49 32.22 -23.57
CA HIS A 179 -2.92 32.43 -23.72
C HIS A 179 -3.34 32.30 -25.18
N HIS A 180 -4.38 31.51 -25.42
CA HIS A 180 -4.97 31.35 -26.73
C HIS A 180 -6.25 32.17 -26.79
N PRO A 181 -6.29 33.22 -27.62
CA PRO A 181 -7.51 34.03 -27.70
C PRO A 181 -8.58 33.47 -28.64
N LYS A 182 -9.81 33.98 -28.48
CA LYS A 182 -10.97 33.58 -29.28
C LYS A 182 -10.80 33.87 -30.78
N ASP A 183 -10.36 35.10 -31.11
CA ASP A 183 -10.22 35.53 -32.52
C ASP A 183 -9.21 36.68 -32.69
N ALA A 184 -9.03 37.13 -33.94
CA ALA A 184 -8.06 38.18 -34.28
C ALA A 184 -8.29 39.50 -33.52
N ALA A 185 -9.55 39.83 -33.24
CA ALA A 185 -9.90 41.07 -32.56
C ALA A 185 -9.45 41.05 -31.10
N GLU A 186 -9.65 39.91 -30.43
CA GLU A 186 -9.23 39.76 -29.04
C GLU A 186 -7.72 39.84 -28.89
N GLN A 187 -7.00 39.27 -29.85
CA GLN A 187 -5.54 39.31 -29.87
C GLN A 187 -5.01 40.75 -29.81
N THR A 188 -5.43 41.57 -30.77
CA THR A 188 -5.00 42.97 -30.80
C THR A 188 -5.55 43.75 -29.60
N LYS A 189 -6.77 43.44 -29.18
CA LYS A 189 -7.39 44.09 -28.04
C LYS A 189 -6.55 43.95 -26.74
N LEU A 190 -5.93 42.79 -26.55
CA LEU A 190 -5.13 42.53 -25.35
C LEU A 190 -3.64 42.82 -25.55
N TYR A 191 -3.11 42.44 -26.72
CA TYR A 191 -1.66 42.42 -26.93
C TYR A 191 -1.17 43.32 -28.07
N GLN A 192 -2.09 43.93 -28.82
CA GLN A 192 -1.75 44.80 -29.96
C GLN A 192 -1.15 44.04 -31.14
N ASN A 193 0.04 43.46 -30.94
CA ASN A 193 0.74 42.71 -31.99
C ASN A 193 -0.09 41.53 -32.47
N PRO A 194 -0.30 41.40 -33.79
CA PRO A 194 -1.19 40.37 -34.31
C PRO A 194 -0.56 38.96 -34.34
N THR A 195 0.74 38.90 -34.60
CA THR A 195 1.47 37.63 -34.65
C THR A 195 2.54 37.62 -33.56
N THR A 196 2.40 36.71 -32.60
CA THR A 196 3.23 36.72 -31.41
C THR A 196 3.87 35.36 -31.12
N TYR A 197 4.67 35.31 -30.05
CA TYR A 197 5.36 34.09 -29.65
C TYR A 197 5.85 34.21 -28.21
N ILE A 198 6.23 33.07 -27.64
CA ILE A 198 6.95 33.04 -26.37
C ILE A 198 8.10 32.06 -26.55
N SER A 199 9.33 32.55 -26.35
CA SER A 199 10.51 31.69 -26.44
C SER A 199 11.12 31.51 -25.04
N VAL A 200 11.35 30.25 -24.67
CA VAL A 200 11.89 29.91 -23.35
C VAL A 200 13.11 29.04 -23.51
N GLY A 201 14.19 29.40 -22.82
CA GLY A 201 15.45 28.66 -22.92
C GLY A 201 16.11 28.44 -21.57
N THR A 202 16.65 27.24 -21.39
CA THR A 202 17.56 26.92 -20.30
C THR A 202 18.77 26.27 -20.97
N SER A 203 19.57 25.55 -20.19
CA SER A 203 20.66 24.76 -20.77
C SER A 203 20.11 23.56 -21.54
N THR A 204 18.95 23.05 -21.14
CA THR A 204 18.33 21.89 -21.78
C THR A 204 17.14 22.29 -22.65
N LEU A 205 16.37 23.26 -22.20
CA LEU A 205 15.13 23.64 -22.87
C LEU A 205 15.36 24.57 -24.09
N ASN A 206 14.64 24.29 -25.18
CA ASN A 206 14.64 25.15 -26.37
C ASN A 206 13.25 25.27 -26.97
N GLN A 207 12.40 26.05 -26.31
CA GLN A 207 10.98 26.14 -26.62
C GLN A 207 10.64 27.44 -27.36
N ARG A 208 9.66 27.35 -28.26
CA ARG A 208 9.03 28.53 -28.84
C ARG A 208 7.55 28.24 -29.06
N LEU A 209 6.70 28.89 -28.26
CA LEU A 209 5.27 28.70 -28.36
C LEU A 209 4.67 29.78 -29.24
N VAL A 210 3.61 29.43 -29.97
CA VAL A 210 2.83 30.39 -30.72
C VAL A 210 1.35 30.17 -30.40
N PRO A 211 0.58 31.27 -30.24
CA PRO A 211 -0.83 31.07 -29.91
C PRO A 211 -1.63 30.51 -31.09
N ARG A 212 -2.41 29.48 -30.81
CA ARG A 212 -3.35 28.92 -31.77
C ARG A 212 -4.72 29.57 -31.58
N ILE A 213 -5.16 30.29 -32.60
CA ILE A 213 -6.52 30.84 -32.62
C ILE A 213 -7.46 29.79 -33.20
N ALA A 214 -8.65 29.70 -32.63
CA ALA A 214 -9.72 28.84 -33.13
C ALA A 214 -11.02 29.15 -32.40
N THR A 215 -12.14 28.95 -33.10
CA THR A 215 -13.46 29.12 -32.48
C THR A 215 -13.69 27.92 -31.58
N ARG A 216 -13.84 28.18 -30.29
CA ARG A 216 -13.96 27.12 -29.31
C ARG A 216 -15.25 27.26 -28.52
N SER A 217 -15.79 26.11 -28.09
CA SER A 217 -16.93 26.08 -27.20
C SER A 217 -16.58 26.78 -25.90
N LYS A 218 -17.59 27.39 -25.28
CA LYS A 218 -17.38 28.04 -23.98
C LYS A 218 -17.22 27.00 -22.87
N VAL A 219 -16.27 27.25 -21.98
CA VAL A 219 -16.07 26.43 -20.79
C VAL A 219 -15.81 27.41 -19.65
N ASN A 220 -16.68 27.39 -18.64
CA ASN A 220 -16.71 28.43 -17.61
C ASN A 220 -16.77 29.85 -18.20
N GLY A 221 -17.56 30.02 -19.25
CA GLY A 221 -17.81 31.32 -19.85
C GLY A 221 -16.68 31.87 -20.70
N GLN A 222 -15.71 31.04 -21.08
CA GLN A 222 -14.57 31.51 -21.88
C GLN A 222 -14.36 30.69 -23.15
N SER A 223 -14.15 31.40 -24.26
CA SER A 223 -13.79 30.78 -25.53
C SER A 223 -12.29 30.65 -25.66
N GLY A 224 -11.55 31.49 -24.93
CA GLY A 224 -10.09 31.45 -24.92
C GLY A 224 -9.58 30.32 -24.05
N ARG A 225 -8.30 29.99 -24.23
CA ARG A 225 -7.65 28.90 -23.49
C ARG A 225 -6.30 29.33 -22.92
N MET A 226 -5.89 28.66 -21.85
CA MET A 226 -4.57 28.85 -21.26
C MET A 226 -3.85 27.52 -21.25
N GLU A 227 -2.68 27.45 -21.89
CA GLU A 227 -1.88 26.23 -21.91
C GLU A 227 -0.66 26.44 -21.00
N PHE A 228 -0.53 25.60 -19.99
CA PHE A 228 0.52 25.79 -18.99
C PHE A 228 1.66 24.78 -19.15
N PHE A 229 2.88 25.29 -19.02
CA PHE A 229 4.09 24.50 -19.19
C PHE A 229 4.97 24.59 -17.95
N TRP A 230 5.92 23.66 -17.83
CA TRP A 230 6.83 23.66 -16.71
C TRP A 230 8.21 23.12 -17.07
N THR A 231 9.19 23.40 -16.21
CA THR A 231 10.50 22.78 -16.29
C THR A 231 11.13 22.71 -14.90
N ILE A 232 12.16 21.90 -14.75
CA ILE A 232 12.97 21.88 -13.55
C ILE A 232 14.25 22.63 -13.89
N LEU A 233 14.47 23.75 -13.22
CA LEU A 233 15.66 24.57 -13.44
C LEU A 233 16.73 24.13 -12.47
N LYS A 234 17.84 23.62 -12.98
CA LYS A 234 18.89 23.06 -12.13
C LYS A 234 19.74 24.17 -11.51
N PRO A 235 20.53 23.84 -10.46
CA PRO A 235 21.28 24.90 -9.78
C PRO A 235 22.30 25.54 -10.72
N ASN A 236 22.47 26.86 -10.61
CA ASN A 236 23.38 27.62 -11.47
C ASN A 236 22.96 27.74 -12.93
N ASP A 237 21.79 27.22 -13.30
CA ASP A 237 21.27 27.43 -14.65
C ASP A 237 20.32 28.62 -14.62
N ALA A 238 20.11 29.22 -15.79
CA ALA A 238 19.23 30.37 -15.92
C ALA A 238 18.12 30.06 -16.91
N ILE A 239 16.91 30.52 -16.61
CA ILE A 239 15.80 30.45 -17.56
C ILE A 239 15.62 31.81 -18.25
N ASN A 240 15.43 31.77 -19.57
CA ASN A 240 15.35 32.97 -20.38
C ASN A 240 14.03 33.05 -21.14
N PHE A 241 13.25 34.09 -20.87
CA PHE A 241 11.99 34.33 -21.56
C PHE A 241 12.12 35.48 -22.54
N GLU A 242 11.60 35.30 -23.74
CA GLU A 242 11.38 36.39 -24.69
C GLU A 242 9.97 36.25 -25.25
N SER A 243 9.20 37.33 -25.23
CA SER A 243 7.83 37.26 -25.76
C SER A 243 7.31 38.53 -26.41
N ASN A 244 6.34 38.32 -27.28
CA ASN A 244 5.73 39.33 -28.12
C ASN A 244 4.28 39.65 -27.71
N GLY A 245 3.76 38.87 -26.77
CA GLY A 245 2.35 38.87 -26.42
C GLY A 245 1.95 37.48 -25.94
N ASN A 246 0.78 37.39 -25.31
CA ASN A 246 0.18 36.12 -24.89
C ASN A 246 0.93 35.39 -23.76
N PHE A 247 1.90 36.06 -23.14
CA PHE A 247 2.77 35.45 -22.15
C PHE A 247 2.13 35.47 -20.77
N ILE A 248 2.07 34.32 -20.13
CA ILE A 248 1.65 34.24 -18.73
C ILE A 248 2.94 34.02 -17.95
N ALA A 249 3.41 35.08 -17.30
CA ALA A 249 4.75 35.08 -16.73
C ALA A 249 4.80 34.46 -15.34
N PRO A 250 5.91 33.76 -15.01
CA PRO A 250 6.07 33.29 -13.64
C PRO A 250 6.15 34.46 -12.66
N GLU A 251 5.46 34.33 -11.53
CA GLU A 251 5.59 35.25 -10.41
C GLU A 251 6.33 34.49 -9.30
N TYR A 252 5.74 33.36 -8.88
CA TYR A 252 6.32 32.49 -7.86
C TYR A 252 6.72 31.13 -8.46
N ALA A 253 7.79 30.55 -7.91
CA ALA A 253 8.23 29.21 -8.30
C ALA A 253 8.63 28.44 -7.04
N TYR A 254 8.60 27.11 -7.12
CA TYR A 254 8.77 26.26 -5.95
C TYR A 254 10.18 25.68 -5.84
N LYS A 255 10.85 25.94 -4.72
CA LYS A 255 12.09 25.25 -4.39
C LYS A 255 11.76 23.83 -3.95
N ILE A 256 12.54 22.86 -4.40
CA ILE A 256 12.39 21.47 -3.99
C ILE A 256 13.40 21.19 -2.88
N VAL A 257 12.95 21.33 -1.63
CA VAL A 257 13.88 21.26 -0.50
C VAL A 257 14.13 19.83 -0.02
N LYS A 258 13.08 19.02 0.05
CA LYS A 258 13.20 17.65 0.49
C LYS A 258 12.67 16.67 -0.56
N LYS A 259 13.52 15.73 -0.96
CA LYS A 259 13.13 14.62 -1.84
C LYS A 259 13.07 13.32 -1.02
N GLY A 260 12.09 12.47 -1.32
CA GLY A 260 11.97 11.19 -0.62
C GLY A 260 10.71 10.43 -0.97
N ASP A 261 10.29 9.55 -0.06
CA ASP A 261 9.15 8.67 -0.30
C ASP A 261 7.83 9.41 -0.12
N SER A 262 7.03 9.39 -1.18
CA SER A 262 5.71 10.01 -1.15
C SER A 262 4.81 9.30 -2.17
N THR A 263 3.56 9.74 -2.26
CA THR A 263 2.61 9.16 -3.19
C THR A 263 1.39 10.05 -3.28
N ILE A 264 0.76 10.07 -4.44
CA ILE A 264 -0.51 10.75 -4.61
C ILE A 264 -1.61 9.68 -4.53
N MET A 265 -2.39 9.77 -3.46
CA MET A 265 -3.40 8.79 -3.13
C MET A 265 -4.75 9.33 -3.54
N LYS A 266 -5.49 8.58 -4.35
CA LYS A 266 -6.80 9.02 -4.81
C LYS A 266 -7.86 8.53 -3.82
N SER A 267 -8.59 9.47 -3.23
CA SER A 267 -9.57 9.15 -2.18
C SER A 267 -10.56 10.30 -1.98
N GLU A 268 -11.80 9.97 -1.65
CA GLU A 268 -12.82 10.96 -1.35
C GLU A 268 -12.91 11.27 0.15
N LEU A 269 -12.13 10.57 0.96
CA LEU A 269 -12.15 10.77 2.41
C LEU A 269 -11.39 12.02 2.81
N GLU A 270 -11.77 12.59 3.96
CA GLU A 270 -11.12 13.76 4.52
C GLU A 270 -10.19 13.34 5.68
N TYR A 271 -9.52 14.31 6.31
CA TYR A 271 -8.59 14.04 7.40
C TYR A 271 -9.28 13.42 8.61
N GLY A 272 -8.58 12.51 9.28
CA GLY A 272 -9.17 11.72 10.37
C GLY A 272 -8.74 12.10 11.78
N ASN A 273 -7.83 13.07 11.91
CA ASN A 273 -7.26 13.45 13.22
C ASN A 273 -6.75 12.19 13.92
N CYS A 274 -5.64 11.67 13.41
CA CYS A 274 -5.35 10.25 13.55
C CYS A 274 -3.90 9.95 13.18
N ASN A 275 -3.35 8.86 13.72
CA ASN A 275 -1.97 8.45 13.41
C ASN A 275 -1.84 6.94 13.11
N THR A 276 -0.96 6.61 12.17
CA THR A 276 -0.78 5.22 11.74
C THR A 276 0.63 4.99 11.22
N LYS A 277 0.98 3.73 10.98
CA LYS A 277 2.26 3.34 10.39
C LYS A 277 2.09 2.85 8.94
N CYS A 278 0.84 2.70 8.51
CA CYS A 278 0.55 2.10 7.21
C CYS A 278 -0.79 2.63 6.77
N GLN A 279 -0.82 3.31 5.63
CA GLN A 279 -2.04 4.00 5.19
C GLN A 279 -2.52 3.48 3.85
N THR A 280 -3.85 3.38 3.71
CA THR A 280 -4.48 3.03 2.44
C THR A 280 -5.55 4.06 2.08
N PRO A 281 -5.94 4.12 0.80
CA PRO A 281 -6.98 5.05 0.32
C PRO A 281 -8.35 4.90 0.99
N MET A 282 -8.58 3.82 1.73
CA MET A 282 -9.85 3.66 2.45
C MET A 282 -9.71 3.54 3.96
N GLY A 283 -8.49 3.70 4.47
CA GLY A 283 -8.25 3.68 5.90
C GLY A 283 -6.88 3.18 6.27
N ALA A 284 -6.50 3.39 7.52
CA ALA A 284 -5.19 3.01 8.02
C ALA A 284 -5.19 1.58 8.57
N ILE A 285 -4.00 0.98 8.62
CA ILE A 285 -3.82 -0.39 9.09
C ILE A 285 -2.89 -0.41 10.30
N ASN A 286 -3.29 -1.19 11.30
CA ASN A 286 -2.51 -1.38 12.50
C ASN A 286 -2.57 -2.85 12.90
N SER A 287 -1.66 -3.65 12.35
CA SER A 287 -1.57 -5.05 12.74
C SER A 287 -0.19 -5.64 12.50
N SER A 288 0.06 -6.79 13.11
CA SER A 288 1.33 -7.49 12.95
C SER A 288 1.20 -8.65 11.95
N MET A 289 0.06 -8.76 11.28
CA MET A 289 -0.15 -9.83 10.30
C MET A 289 0.76 -9.63 9.10
N PRO A 290 1.20 -10.72 8.46
CA PRO A 290 2.04 -10.60 7.27
C PRO A 290 1.28 -10.23 5.99
N PHE A 291 -0.04 -10.33 6.01
CA PHE A 291 -0.87 -10.08 4.84
C PHE A 291 -2.06 -9.22 5.19
N HIS A 292 -2.61 -8.55 4.19
CA HIS A 292 -3.91 -7.88 4.32
C HIS A 292 -4.65 -7.87 2.99
N ASN A 293 -5.93 -7.52 3.02
CA ASN A 293 -6.76 -7.47 1.81
C ASN A 293 -7.57 -6.18 1.67
N ILE A 294 -7.09 -5.12 2.31
CA ILE A 294 -7.77 -3.82 2.31
C ILE A 294 -7.70 -3.14 0.94
N HIS A 295 -6.48 -2.91 0.45
CA HIS A 295 -6.27 -2.15 -0.78
C HIS A 295 -4.80 -2.28 -1.27
N PRO A 296 -4.59 -2.44 -2.61
CA PRO A 296 -3.21 -2.64 -3.13
C PRO A 296 -2.27 -1.45 -2.98
N LEU A 297 -2.80 -0.23 -3.11
CA LEU A 297 -1.98 0.98 -3.00
C LEU A 297 -1.86 1.43 -1.54
N THR A 298 -0.75 1.10 -0.90
CA THR A 298 -0.50 1.52 0.48
C THR A 298 0.80 2.30 0.57
N ILE A 299 0.99 2.99 1.68
CA ILE A 299 2.25 3.67 1.96
C ILE A 299 2.60 3.46 3.42
N GLY A 300 3.90 3.28 3.70
CA GLY A 300 4.39 3.01 5.05
C GLY A 300 4.96 1.60 5.16
N GLU A 301 5.06 1.11 6.40
CA GLU A 301 5.53 -0.25 6.65
C GLU A 301 4.30 -1.14 6.76
N CYS A 302 4.00 -1.86 5.68
CA CYS A 302 2.73 -2.56 5.55
C CYS A 302 2.86 -4.06 5.37
N PRO A 303 1.78 -4.80 5.68
CA PRO A 303 1.71 -6.19 5.26
C PRO A 303 1.50 -6.26 3.75
N LYS A 304 1.76 -7.42 3.16
CA LYS A 304 1.61 -7.58 1.71
C LYS A 304 0.14 -7.77 1.36
N TYR A 305 -0.29 -7.06 0.35
CA TYR A 305 -1.68 -7.14 -0.09
C TYR A 305 -1.90 -8.42 -0.87
N VAL A 306 -2.99 -9.11 -0.56
CA VAL A 306 -3.47 -10.23 -1.36
C VAL A 306 -4.97 -10.08 -1.55
N LYS A 307 -5.51 -10.66 -2.60
CA LYS A 307 -6.95 -10.63 -2.85
C LYS A 307 -7.79 -11.65 -2.05
N SER A 308 -7.18 -12.38 -1.13
CA SER A 308 -7.92 -13.44 -0.41
C SER A 308 -8.93 -12.89 0.58
N ASN A 309 -10.01 -13.64 0.78
CA ASN A 309 -10.96 -13.38 1.87
C ASN A 309 -10.52 -14.07 3.17
N ARG A 310 -9.64 -15.07 3.06
CA ARG A 310 -9.28 -15.89 4.20
C ARG A 310 -7.91 -16.58 4.03
N LEU A 311 -7.00 -16.37 4.98
CA LEU A 311 -5.76 -17.14 5.07
C LEU A 311 -5.53 -17.57 6.53
N VAL A 312 -5.71 -18.87 6.79
CA VAL A 312 -5.56 -19.42 8.14
C VAL A 312 -4.70 -20.67 8.07
N LEU A 313 -3.60 -20.66 8.82
CA LEU A 313 -2.66 -21.78 8.89
C LEU A 313 -3.01 -22.69 10.06
N ALA A 314 -2.94 -23.99 9.84
CA ALA A 314 -3.06 -24.95 10.93
C ALA A 314 -1.77 -24.94 11.70
N THR A 315 -1.87 -24.92 13.02
CA THR A 315 -0.74 -25.10 13.91
C THR A 315 -0.92 -26.40 14.69
N GLY A 316 -2.10 -26.57 15.27
CA GLY A 316 -2.43 -27.77 16.02
C GLY A 316 -2.89 -28.88 15.12
N LEU A 317 -3.64 -29.82 15.68
CA LEU A 317 -4.02 -31.02 14.95
C LEU A 317 -5.53 -31.15 14.84
N ARG A 318 -5.96 -32.17 14.11
CA ARG A 318 -7.37 -32.38 13.83
C ARG A 318 -8.12 -32.60 15.13
N ASN A 319 -9.18 -31.83 15.33
CA ASN A 319 -9.93 -31.85 16.58
C ASN A 319 -11.12 -32.80 16.51
N SER A 320 -11.42 -33.44 17.64
CA SER A 320 -12.35 -34.56 17.69
C SER A 320 -13.77 -34.13 18.06
N PRO A 321 -14.80 -34.73 17.43
CA PRO A 321 -16.18 -34.44 17.82
C PRO A 321 -16.59 -35.22 19.07
N GLY B 1 -5.92 -39.59 8.14
CA GLY B 1 -4.57 -39.07 7.79
C GLY B 1 -3.68 -40.14 7.19
N LEU B 2 -2.60 -39.70 6.56
CA LEU B 2 -1.69 -40.60 5.87
C LEU B 2 -1.06 -41.66 6.79
N PHE B 3 -0.88 -41.34 8.06
CA PHE B 3 -0.13 -42.22 8.96
C PHE B 3 -0.99 -43.12 9.82
N GLY B 4 -2.31 -42.98 9.68
CA GLY B 4 -3.25 -43.95 10.23
C GLY B 4 -3.58 -43.83 11.71
N ALA B 5 -2.90 -42.95 12.45
CA ALA B 5 -3.10 -42.89 13.90
C ALA B 5 -4.23 -41.97 14.28
N ILE B 6 -4.03 -40.67 14.05
CA ILE B 6 -5.04 -39.67 14.40
C ILE B 6 -6.35 -39.94 13.64
N ALA B 7 -7.44 -40.05 14.39
CA ALA B 7 -8.74 -40.39 13.83
C ALA B 7 -8.66 -41.64 12.95
N GLY B 8 -7.79 -42.56 13.32
CA GLY B 8 -7.60 -43.82 12.60
C GLY B 8 -7.75 -44.95 13.60
N PHE B 9 -6.64 -45.60 13.96
CA PHE B 9 -6.70 -46.66 14.98
C PHE B 9 -6.82 -46.06 16.37
N ILE B 10 -6.42 -44.79 16.53
CA ILE B 10 -6.75 -44.02 17.74
C ILE B 10 -7.95 -43.15 17.39
N GLU B 11 -9.13 -43.58 17.82
CA GLU B 11 -10.39 -43.01 17.35
C GLU B 11 -10.55 -41.52 17.57
N GLY B 12 -10.13 -41.03 18.74
CA GLY B 12 -10.32 -39.63 19.11
C GLY B 12 -9.28 -39.08 20.06
N GLY B 13 -9.24 -37.76 20.17
CA GLY B 13 -8.32 -37.08 21.08
C GLY B 13 -8.81 -37.09 22.52
N TRP B 14 -7.99 -36.54 23.41
CA TRP B 14 -8.28 -36.51 24.83
C TRP B 14 -8.43 -35.06 25.33
N GLN B 15 -9.64 -34.70 25.72
CA GLN B 15 -9.89 -33.41 26.38
C GLN B 15 -9.05 -33.33 27.65
N GLY B 16 -8.81 -34.47 28.28
CA GLY B 16 -8.12 -34.55 29.56
C GLY B 16 -6.61 -34.31 29.53
N MET B 17 -5.99 -34.38 28.34
CA MET B 17 -4.56 -34.10 28.23
C MET B 17 -4.30 -32.66 27.83
N VAL B 18 -4.00 -31.84 28.82
CA VAL B 18 -3.95 -30.39 28.70
C VAL B 18 -2.53 -29.87 28.46
N ASP B 19 -1.53 -30.62 28.90
CA ASP B 19 -0.16 -30.13 29.00
C ASP B 19 0.73 -30.46 27.79
N GLY B 20 0.16 -31.08 26.76
CA GLY B 20 0.95 -31.42 25.57
C GLY B 20 0.10 -31.84 24.38
N TRP B 21 0.74 -32.00 23.22
CA TRP B 21 0.02 -32.43 22.02
C TRP B 21 -0.17 -33.93 21.96
N TYR B 22 0.85 -34.66 22.40
CA TYR B 22 0.82 -36.10 22.41
C TYR B 22 1.27 -36.62 23.77
N GLY B 23 0.78 -37.79 24.14
CA GLY B 23 1.17 -38.37 25.41
C GLY B 23 0.55 -39.71 25.72
N TYR B 24 0.51 -40.03 27.01
CA TYR B 24 0.13 -41.35 27.50
C TYR B 24 -1.02 -41.27 28.48
N HIS B 25 -1.85 -42.31 28.49
CA HIS B 25 -2.83 -42.48 29.56
C HIS B 25 -2.64 -43.85 30.17
N HIS B 26 -2.48 -43.88 31.50
CA HIS B 26 -2.22 -45.13 32.22
C HIS B 26 -3.38 -45.46 33.15
N SER B 27 -3.49 -46.73 33.48
CA SER B 27 -4.61 -47.23 34.26
C SER B 27 -4.22 -48.52 34.97
N ASN B 28 -4.19 -48.50 36.30
CA ASN B 28 -3.82 -49.66 37.12
C ASN B 28 -4.60 -49.63 38.44
N GLU B 29 -4.18 -50.42 39.44
CA GLU B 29 -4.90 -50.45 40.72
C GLU B 29 -4.74 -49.17 41.54
N GLN B 30 -3.64 -48.46 41.33
CA GLN B 30 -3.35 -47.22 42.05
C GLN B 30 -4.16 -46.04 41.53
N GLY B 31 -4.61 -46.11 40.27
CA GLY B 31 -5.38 -45.01 39.68
C GLY B 31 -5.19 -44.90 38.18
N SER B 32 -5.46 -43.72 37.65
CA SER B 32 -5.31 -43.47 36.21
C SER B 32 -5.05 -42.00 35.94
N GLY B 33 -4.44 -41.71 34.80
CA GLY B 33 -4.23 -40.33 34.39
C GLY B 33 -3.46 -40.11 33.10
N TYR B 34 -3.31 -38.85 32.76
CA TYR B 34 -2.64 -38.45 31.53
C TYR B 34 -1.25 -37.91 31.81
N ALA B 35 -0.32 -38.12 30.89
CA ALA B 35 0.97 -37.48 30.96
C ALA B 35 1.49 -37.20 29.55
N ALA B 36 1.87 -35.95 29.31
CA ALA B 36 2.34 -35.51 28.01
C ALA B 36 3.75 -36.02 27.77
N ASP B 37 4.02 -36.47 26.55
CA ASP B 37 5.37 -36.75 26.10
C ASP B 37 6.04 -35.42 25.69
N LYS B 38 6.96 -34.96 26.53
CA LYS B 38 7.58 -33.63 26.39
C LYS B 38 8.40 -33.52 25.12
N GLU B 39 9.27 -34.50 24.88
CA GLU B 39 10.19 -34.49 23.75
C GLU B 39 9.49 -34.37 22.39
N SER B 40 8.54 -35.25 22.12
CA SER B 40 7.84 -35.25 20.85
C SER B 40 6.92 -34.05 20.70
N THR B 41 6.33 -33.59 21.81
CA THR B 41 5.53 -32.36 21.82
C THR B 41 6.36 -31.15 21.42
N GLN B 42 7.55 -31.02 22.01
CA GLN B 42 8.44 -29.88 21.75
C GLN B 42 9.00 -29.92 20.32
N LYS B 43 9.23 -31.13 19.83
CA LYS B 43 9.60 -31.35 18.43
C LYS B 43 8.53 -30.76 17.51
N ALA B 44 7.27 -31.00 17.84
CA ALA B 44 6.16 -30.54 17.03
C ALA B 44 6.06 -29.01 17.07
N ILE B 45 6.20 -28.44 18.26
CA ILE B 45 6.19 -26.99 18.41
C ILE B 45 7.27 -26.32 17.56
N ASP B 46 8.48 -26.86 17.58
CA ASP B 46 9.60 -26.28 16.82
C ASP B 46 9.37 -26.36 15.31
N GLY B 47 8.87 -27.49 14.84
CA GLY B 47 8.66 -27.69 13.41
C GLY B 47 7.58 -26.78 12.86
N VAL B 48 6.49 -26.66 13.60
CA VAL B 48 5.36 -25.83 13.18
C VAL B 48 5.71 -24.35 13.29
N THR B 49 6.44 -23.97 14.33
CA THR B 49 6.86 -22.58 14.49
C THR B 49 7.81 -22.14 13.37
N ASN B 50 8.80 -22.97 13.07
CA ASN B 50 9.72 -22.69 11.96
C ASN B 50 8.97 -22.55 10.63
N LYS B 51 8.00 -23.43 10.44
CA LYS B 51 7.17 -23.45 9.24
C LYS B 51 6.43 -22.14 9.05
N VAL B 52 5.77 -21.69 10.11
CA VAL B 52 5.00 -20.46 10.04
C VAL B 52 5.95 -19.29 9.67
N ASN B 53 7.10 -19.23 10.32
CA ASN B 53 8.09 -18.18 10.02
C ASN B 53 8.65 -18.31 8.61
N SER B 54 8.86 -19.55 8.15
CA SER B 54 9.33 -19.79 6.79
C SER B 54 8.30 -19.29 5.78
N ILE B 55 7.02 -19.54 6.06
CA ILE B 55 5.94 -19.10 5.20
C ILE B 55 5.90 -17.58 5.14
N ILE B 56 5.86 -16.95 6.32
CA ILE B 56 5.82 -15.49 6.39
C ILE B 56 7.03 -14.91 5.65
N ASP B 57 8.21 -15.47 5.93
CA ASP B 57 9.46 -14.93 5.40
C ASP B 57 9.56 -15.01 3.87
N LYS B 58 9.11 -16.12 3.30
CA LYS B 58 9.14 -16.28 1.84
C LYS B 58 8.25 -15.27 1.12
N MET B 59 7.13 -14.92 1.77
CA MET B 59 6.21 -13.93 1.22
C MET B 59 6.63 -12.49 1.59
N ASN B 60 7.84 -12.32 2.12
CA ASN B 60 8.36 -11.01 2.50
C ASN B 60 8.60 -10.11 1.28
N THR B 61 9.46 -10.57 0.38
CA THR B 61 9.66 -9.87 -0.89
C THR B 61 8.49 -10.24 -1.78
N GLN B 62 7.77 -9.22 -2.24
CA GLN B 62 6.56 -9.42 -3.03
C GLN B 62 6.14 -8.11 -3.71
N PHE B 63 5.42 -8.23 -4.82
CA PHE B 63 5.04 -7.07 -5.63
C PHE B 63 4.30 -5.99 -4.85
N GLU B 64 4.79 -4.75 -4.97
CA GLU B 64 4.11 -3.59 -4.40
C GLU B 64 3.62 -2.70 -5.52
N ALA B 65 2.33 -2.33 -5.48
CA ALA B 65 1.75 -1.49 -6.51
C ALA B 65 2.08 -0.01 -6.27
N VAL B 66 2.19 0.75 -7.36
CA VAL B 66 2.46 2.19 -7.30
C VAL B 66 1.49 2.93 -8.20
N GLY B 67 1.06 4.11 -7.77
CA GLY B 67 0.14 4.94 -8.55
C GLY B 67 0.79 5.60 -9.75
N ARG B 68 0.24 5.33 -10.94
CA ARG B 68 0.68 5.99 -12.17
C ARG B 68 -0.53 6.51 -12.90
N GLU B 69 -0.48 7.78 -13.30
CA GLU B 69 -1.62 8.42 -13.94
C GLU B 69 -1.32 8.62 -15.42
N PHE B 70 -2.35 8.51 -16.25
CA PHE B 70 -2.22 8.63 -17.70
C PHE B 70 -3.34 9.50 -18.26
N ASN B 71 -3.09 10.15 -19.40
CA ASN B 71 -4.10 11.04 -20.00
C ASN B 71 -5.00 10.28 -21.00
N ASN B 72 -5.92 11.01 -21.62
CA ASN B 72 -6.97 10.41 -22.46
C ASN B 72 -6.48 9.77 -23.77
N LEU B 73 -5.29 10.16 -24.24
CA LEU B 73 -4.69 9.53 -25.41
C LEU B 73 -3.46 8.69 -25.03
N GLU B 74 -3.47 8.17 -23.80
CA GLU B 74 -2.49 7.18 -23.36
C GLU B 74 -3.23 5.94 -22.83
N ARG B 75 -4.32 5.58 -23.49
CA ARG B 75 -5.14 4.46 -23.05
C ARG B 75 -4.40 3.13 -23.15
N ARG B 76 -3.57 2.94 -24.17
CA ARG B 76 -2.91 1.65 -24.33
C ARG B 76 -1.99 1.37 -23.16
N ILE B 77 -1.12 2.32 -22.83
CA ILE B 77 -0.18 2.15 -21.71
C ILE B 77 -0.90 2.16 -20.36
N GLU B 78 -2.02 2.85 -20.27
CA GLU B 78 -2.80 2.79 -19.05
C GLU B 78 -3.28 1.36 -18.83
N ASN B 79 -3.74 0.73 -19.91
CA ASN B 79 -4.27 -0.61 -19.86
C ASN B 79 -3.16 -1.62 -19.55
N LEU B 80 -1.99 -1.37 -20.12
CA LEU B 80 -0.82 -2.19 -19.87
C LEU B 80 -0.47 -2.10 -18.39
N ASN B 81 -0.46 -0.88 -17.86
CA ASN B 81 -0.17 -0.67 -16.44
C ASN B 81 -1.16 -1.43 -15.56
N LYS B 82 -2.42 -1.42 -15.95
CA LYS B 82 -3.49 -2.01 -15.17
C LYS B 82 -3.33 -3.53 -15.19
N LYS B 83 -3.11 -4.09 -16.38
CA LYS B 83 -2.93 -5.53 -16.54
C LYS B 83 -1.71 -6.05 -15.81
N MET B 84 -0.66 -5.24 -15.74
CA MET B 84 0.56 -5.60 -15.05
C MET B 84 0.36 -5.65 -13.53
N GLU B 85 -0.26 -4.63 -12.97
CA GLU B 85 -0.49 -4.57 -11.53
C GLU B 85 -1.37 -5.75 -11.11
N ASP B 86 -2.51 -5.89 -11.78
CA ASP B 86 -3.45 -6.99 -11.56
C ASP B 86 -2.83 -8.37 -11.73
N GLY B 87 -2.02 -8.52 -12.77
CA GLY B 87 -1.37 -9.78 -13.05
C GLY B 87 -0.54 -10.25 -11.88
N PHE B 88 0.29 -9.36 -11.34
CA PHE B 88 1.14 -9.70 -10.21
C PHE B 88 0.30 -10.01 -8.95
N LEU B 89 -0.76 -9.23 -8.71
CA LEU B 89 -1.65 -9.51 -7.58
C LEU B 89 -2.20 -10.93 -7.65
N ASP B 90 -2.65 -11.33 -8.82
CA ASP B 90 -3.22 -12.66 -9.01
C ASP B 90 -2.18 -13.75 -8.77
N VAL B 91 -0.97 -13.51 -9.25
CA VAL B 91 0.12 -14.45 -9.04
C VAL B 91 0.43 -14.63 -7.55
N TRP B 92 0.49 -13.52 -6.81
CA TRP B 92 0.83 -13.59 -5.40
C TRP B 92 -0.34 -14.09 -4.55
N THR B 93 -1.57 -13.80 -4.97
CA THR B 93 -2.73 -14.34 -4.30
C THR B 93 -2.70 -15.86 -4.43
N TYR B 94 -2.44 -16.33 -5.66
CA TYR B 94 -2.35 -17.76 -5.93
C TYR B 94 -1.28 -18.41 -5.07
N ASN B 95 -0.07 -17.86 -5.11
CA ASN B 95 1.03 -18.38 -4.31
C ASN B 95 0.64 -18.51 -2.83
N ALA B 96 0.03 -17.46 -2.29
CA ALA B 96 -0.34 -17.43 -0.87
C ALA B 96 -1.39 -18.49 -0.53
N GLU B 97 -2.45 -18.58 -1.32
CA GLU B 97 -3.53 -19.52 -1.02
C GLU B 97 -3.09 -20.96 -1.20
N LEU B 98 -2.26 -21.23 -2.20
CA LEU B 98 -1.79 -22.57 -2.46
C LEU B 98 -0.82 -23.01 -1.38
N LEU B 99 0.06 -22.11 -0.95
CA LEU B 99 1.03 -22.45 0.07
C LEU B 99 0.30 -22.85 1.35
N VAL B 100 -0.75 -22.11 1.69
CA VAL B 100 -1.52 -22.38 2.90
C VAL B 100 -2.21 -23.75 2.82
N LEU B 101 -2.91 -24.02 1.72
CA LEU B 101 -3.55 -25.32 1.52
C LEU B 101 -2.54 -26.47 1.59
N MET B 102 -1.45 -26.37 0.85
CA MET B 102 -0.46 -27.42 0.81
C MET B 102 0.18 -27.66 2.16
N GLU B 103 0.56 -26.59 2.85
CA GLU B 103 1.25 -26.74 4.13
C GLU B 103 0.30 -27.12 5.26
N ASN B 104 -0.96 -26.72 5.17
CA ASN B 104 -1.96 -27.18 6.11
C ASN B 104 -2.10 -28.70 6.03
N GLU B 105 -2.10 -29.24 4.82
CA GLU B 105 -2.19 -30.69 4.67
C GLU B 105 -0.98 -31.35 5.30
N ARG B 106 0.20 -30.78 5.08
CA ARG B 106 1.41 -31.35 5.67
C ARG B 106 1.47 -31.21 7.18
N THR B 107 0.88 -30.16 7.73
CA THR B 107 0.89 -29.96 9.18
C THR B 107 0.01 -31.00 9.88
N LEU B 108 -1.18 -31.24 9.35
CA LEU B 108 -2.04 -32.25 9.90
C LEU B 108 -1.39 -33.64 9.82
N ASP B 109 -0.80 -33.96 8.66
CA ASP B 109 -0.10 -35.22 8.48
C ASP B 109 1.12 -35.35 9.41
N PHE B 110 1.80 -34.24 9.67
CA PHE B 110 2.98 -34.20 10.55
C PHE B 110 2.60 -34.66 11.95
N HIS B 111 1.54 -34.09 12.49
CA HIS B 111 1.00 -34.49 13.79
C HIS B 111 0.61 -35.98 13.82
N ASP B 112 -0.02 -36.45 12.75
CA ASP B 112 -0.42 -37.83 12.65
C ASP B 112 0.82 -38.72 12.73
N SER B 113 1.85 -38.36 11.97
CA SER B 113 3.13 -39.06 12.01
C SER B 113 3.77 -39.07 13.42
N ASN B 114 3.67 -37.98 14.15
CA ASN B 114 4.29 -37.93 15.47
C ASN B 114 3.58 -38.85 16.46
N VAL B 115 2.26 -38.98 16.31
CA VAL B 115 1.49 -39.90 17.15
C VAL B 115 1.85 -41.34 16.81
N LYS B 116 1.94 -41.62 15.51
CA LYS B 116 2.29 -42.96 15.05
C LYS B 116 3.66 -43.38 15.56
N ASN B 117 4.64 -42.47 15.49
CA ASN B 117 5.99 -42.79 15.93
C ASN B 117 6.10 -42.99 17.43
N LEU B 118 5.31 -42.23 18.19
CA LEU B 118 5.25 -42.39 19.63
C LEU B 118 4.66 -43.76 19.98
N TYR B 119 3.58 -44.10 19.29
CA TYR B 119 2.95 -45.41 19.47
C TYR B 119 3.91 -46.55 19.16
N ASP B 120 4.59 -46.48 18.02
CA ASP B 120 5.52 -47.54 17.67
C ASP B 120 6.65 -47.63 18.68
N LYS B 121 7.16 -46.49 19.11
CA LYS B 121 8.24 -46.42 20.09
C LYS B 121 7.89 -47.24 21.34
N VAL B 122 6.67 -47.07 21.84
CA VAL B 122 6.17 -47.83 22.97
C VAL B 122 6.01 -49.31 22.59
N ARG B 123 5.43 -49.56 21.43
CA ARG B 123 5.25 -50.94 20.97
C ARG B 123 6.56 -51.73 20.96
N LEU B 124 7.62 -51.11 20.42
CA LEU B 124 8.94 -51.74 20.31
C LEU B 124 9.61 -52.00 21.66
N GLN B 125 9.23 -51.25 22.69
CA GLN B 125 9.74 -51.50 24.04
C GLN B 125 9.04 -52.70 24.65
N LEU B 126 7.72 -52.63 24.69
CA LEU B 126 6.92 -53.65 25.33
C LEU B 126 7.07 -55.01 24.65
N ARG B 127 7.15 -55.03 23.32
CA ARG B 127 7.27 -56.29 22.58
C ARG B 127 6.13 -57.24 23.00
N ASP B 128 6.44 -58.49 23.35
CA ASP B 128 5.39 -59.46 23.69
C ASP B 128 5.06 -59.55 25.19
N ASN B 129 5.47 -58.57 25.99
CA ASN B 129 5.04 -58.47 27.39
C ASN B 129 3.69 -57.77 27.60
N ALA B 130 2.98 -57.46 26.51
CA ALA B 130 1.69 -56.76 26.56
C ALA B 130 0.83 -57.12 25.35
N LYS B 131 -0.49 -57.04 25.48
CA LYS B 131 -1.40 -57.29 24.35
C LYS B 131 -1.69 -55.99 23.62
N GLU B 132 -1.40 -55.95 22.33
CA GLU B 132 -1.76 -54.81 21.51
C GLU B 132 -3.26 -54.87 21.24
N LEU B 133 -4.02 -54.01 21.90
CA LEU B 133 -5.48 -54.06 21.83
C LEU B 133 -6.05 -53.57 20.51
N GLY B 134 -5.30 -52.72 19.80
CA GLY B 134 -5.70 -52.24 18.49
C GLY B 134 -6.36 -50.88 18.46
N ASN B 135 -6.37 -50.20 19.60
CA ASN B 135 -7.04 -48.89 19.73
C ASN B 135 -6.12 -47.82 20.29
N GLY B 136 -4.81 -48.11 20.29
CA GLY B 136 -3.82 -47.24 20.91
C GLY B 136 -3.34 -47.73 22.26
N CYS B 137 -3.98 -48.78 22.78
CA CYS B 137 -3.68 -49.23 24.14
C CYS B 137 -2.94 -50.57 24.16
N PHE B 138 -2.16 -50.73 25.23
CA PHE B 138 -1.42 -51.93 25.49
C PHE B 138 -1.83 -52.45 26.84
N GLU B 139 -2.32 -53.69 26.87
CA GLU B 139 -2.73 -54.33 28.11
C GLU B 139 -1.61 -55.26 28.59
N PHE B 140 -1.11 -54.99 29.79
CA PHE B 140 0.03 -55.72 30.33
C PHE B 140 -0.33 -57.12 30.82
N TYR B 141 0.62 -58.04 30.70
CA TYR B 141 0.46 -59.39 31.26
C TYR B 141 0.79 -59.40 32.73
N HIS B 142 1.80 -58.62 33.11
CA HIS B 142 2.16 -58.42 34.51
C HIS B 142 1.45 -57.20 35.06
N LYS B 143 1.52 -57.03 36.38
CA LYS B 143 0.94 -55.86 37.02
C LYS B 143 1.95 -54.71 36.85
N CYS B 144 1.45 -53.54 36.43
CA CYS B 144 2.32 -52.43 36.10
C CYS B 144 1.97 -51.21 36.95
N ASP B 145 2.69 -51.05 38.06
CA ASP B 145 2.48 -49.92 38.98
C ASP B 145 3.03 -48.62 38.37
N ASN B 146 2.98 -47.52 39.13
CA ASN B 146 3.34 -46.20 38.59
C ASN B 146 4.81 -46.07 38.19
N GLU B 147 5.71 -46.70 38.96
CA GLU B 147 7.13 -46.78 38.57
C GLU B 147 7.29 -47.57 37.27
N CYS B 148 6.56 -48.67 37.15
CA CYS B 148 6.54 -49.47 35.92
C CYS B 148 6.08 -48.59 34.74
N MET B 149 4.92 -47.97 34.89
CA MET B 149 4.38 -47.03 33.90
C MET B 149 5.39 -45.96 33.53
N GLU B 150 6.07 -45.40 34.53
CA GLU B 150 7.06 -44.35 34.30
C GLU B 150 8.20 -44.83 33.42
N SER B 151 8.62 -46.08 33.56
CA SER B 151 9.73 -46.61 32.77
C SER B 151 9.34 -46.79 31.30
N VAL B 152 8.04 -46.99 31.05
CA VAL B 152 7.53 -47.04 29.67
C VAL B 152 7.64 -45.66 29.03
N ARG B 153 7.28 -44.61 29.77
CA ARG B 153 7.41 -43.24 29.29
C ARG B 153 8.88 -42.83 29.19
N ASN B 154 9.70 -43.30 30.14
CA ASN B 154 11.16 -43.10 30.11
C ASN B 154 11.79 -43.53 28.80
N GLY B 155 11.45 -44.72 28.36
CA GLY B 155 12.20 -45.42 27.34
C GLY B 155 13.03 -46.53 27.95
N THR B 156 12.90 -46.71 29.27
CA THR B 156 13.74 -47.62 30.03
C THR B 156 12.95 -48.79 30.60
N TYR B 157 11.87 -49.19 29.92
CA TYR B 157 11.08 -50.34 30.35
C TYR B 157 11.91 -51.62 30.21
N ASP B 158 12.24 -52.22 31.35
CA ASP B 158 13.14 -53.37 31.37
C ASP B 158 12.38 -54.64 31.00
N TYR B 159 12.37 -54.94 29.70
CA TYR B 159 11.67 -56.12 29.17
C TYR B 159 12.17 -57.45 29.78
N PRO B 160 13.50 -57.62 29.92
CA PRO B 160 13.99 -58.81 30.62
C PRO B 160 13.50 -58.95 32.08
N GLN B 161 13.15 -57.84 32.72
CA GLN B 161 12.64 -57.86 34.09
C GLN B 161 11.24 -58.48 34.19
N TYR B 162 10.46 -58.32 33.12
CA TYR B 162 9.13 -58.89 33.06
C TYR B 162 9.06 -59.90 31.92
C1 NAG C . -17.03 -24.28 4.77
C2 NAG C . -18.07 -24.45 3.68
C3 NAG C . -18.72 -23.12 3.25
C4 NAG C . -18.94 -22.13 4.40
C5 NAG C . -17.68 -22.08 5.25
C6 NAG C . -17.74 -21.08 6.41
C7 NAG C . -17.60 -26.33 2.17
C8 NAG C . -16.87 -26.80 0.94
N2 NAG C . -17.44 -25.05 2.52
O3 NAG C . -19.97 -23.41 2.66
O4 NAG C . -19.19 -20.84 3.88
O5 NAG C . -17.47 -23.38 5.75
O6 NAG C . -19.02 -21.11 7.02
O7 NAG C . -18.32 -27.13 2.80
C1 NAG C . -20.60 -20.53 3.83
C2 NAG C . -20.76 -19.00 3.86
C3 NAG C . -22.19 -18.56 3.55
C4 NAG C . -22.79 -19.33 2.38
C5 NAG C . -22.59 -20.82 2.59
C6 NAG C . -23.18 -21.67 1.45
C7 NAG C . -19.17 -17.96 5.41
C8 NAG C . -18.91 -17.50 6.82
N2 NAG C . -20.37 -18.50 5.17
O3 NAG C . -22.20 -17.17 3.25
O4 NAG C . -24.16 -19.02 2.26
O5 NAG C . -21.20 -21.08 2.67
O6 NAG C . -22.43 -21.48 0.27
O7 NAG C . -18.31 -17.82 4.55
C1 NAG D . 24.16 32.11 -12.84
C2 NAG D . 25.06 31.80 -14.03
C3 NAG D . 26.32 31.11 -13.54
C4 NAG D . 27.03 31.98 -12.50
C5 NAG D . 26.05 32.39 -11.40
C6 NAG D . 26.73 33.34 -10.40
C7 NAG D . 24.31 31.25 -16.31
C8 NAG D . 23.58 30.26 -17.19
N2 NAG D . 24.38 30.97 -15.00
O3 NAG D . 27.19 30.83 -14.62
O4 NAG D . 28.05 31.23 -11.86
O5 NAG D . 24.88 32.95 -11.96
O6 NAG D . 25.83 34.29 -9.84
O7 NAG D . 24.78 32.27 -16.82
C1 NAG D . 29.39 31.39 -12.38
C2 NAG D . 30.31 30.78 -11.33
C3 NAG D . 31.51 31.66 -11.02
C4 NAG D . 32.17 32.13 -12.31
C5 NAG D . 31.12 32.85 -13.18
C6 NAG D . 31.15 32.42 -14.64
C7 NAG D . 29.51 29.40 -9.44
C8 NAG D . 30.27 28.19 -9.94
N2 NAG D . 29.56 30.54 -10.11
O3 NAG D . 32.40 30.90 -10.23
O4 NAG D . 33.26 33.00 -12.05
O5 NAG D . 29.79 32.72 -12.66
O6 NAG D . 32.21 33.04 -15.31
O7 NAG D . 28.85 29.29 -8.41
C1 BMA D . 34.57 32.39 -11.86
C2 BMA D . 35.13 31.85 -13.18
C3 BMA D . 36.57 31.32 -13.03
C4 BMA D . 36.88 30.91 -11.60
C5 BMA D . 35.63 30.40 -10.89
C6 BMA D . 36.00 29.92 -9.48
O2 BMA D . 35.10 32.90 -14.16
O3 BMA D . 37.52 32.32 -13.44
O4 BMA D . 37.87 29.86 -11.60
O5 BMA D . 34.60 31.39 -10.82
O6 BMA D . 36.30 28.53 -9.53
C1 MAN D . 38.57 31.74 -14.24
C2 MAN D . 38.13 31.65 -15.70
C3 MAN D . 39.19 30.91 -16.51
C4 MAN D . 40.58 31.51 -16.27
C5 MAN D . 40.87 31.78 -14.79
C6 MAN D . 42.14 32.62 -14.64
O2 MAN D . 37.92 32.96 -16.20
O3 MAN D . 38.87 30.99 -17.89
O4 MAN D . 41.54 30.61 -16.78
O5 MAN D . 39.79 32.46 -14.17
O6 MAN D . 42.31 33.03 -13.31
C1 MAN D . 35.94 27.76 -8.34
C2 MAN D . 34.41 27.69 -8.18
C3 MAN D . 33.81 28.65 -7.16
C4 MAN D . 34.69 28.82 -5.93
C5 MAN D . 36.13 29.13 -6.31
C6 MAN D . 37.02 29.13 -5.07
O2 MAN D . 34.07 26.36 -7.84
O3 MAN D . 32.54 28.17 -6.75
O4 MAN D . 34.17 29.86 -5.14
O5 MAN D . 36.66 28.15 -7.18
O6 MAN D . 36.55 30.06 -4.12
C1 NAG E . -19.96 36.62 -26.75
C2 NAG E . -20.47 36.33 -25.34
C3 NAG E . -19.78 37.29 -24.37
C4 NAG E . -18.27 37.07 -24.45
C5 NAG E . -17.75 37.15 -25.89
C6 NAG E . -16.31 36.66 -26.01
C7 NAG E . -22.89 35.72 -25.43
C8 NAG E . -22.58 34.26 -25.63
N2 NAG E . -21.90 36.62 -25.30
O1 NAG E . -20.61 35.80 -27.72
O3 NAG E . -20.26 37.09 -23.03
O4 NAG E . -17.58 38.04 -23.65
O5 NAG E . -18.55 36.37 -26.79
O6 NAG E . -15.42 37.77 -26.07
O7 NAG E . -24.06 36.08 -25.38
C1 GAL E . -16.82 37.48 -22.58
C2 GAL E . -15.92 38.54 -21.94
C3 GAL E . -15.23 38.02 -20.69
C4 GAL E . -16.21 37.32 -19.76
C5 GAL E . -17.03 36.30 -20.53
C6 GAL E . -18.04 35.60 -19.62
O2 GAL E . -14.93 38.96 -22.87
O3 GAL E . -14.63 39.13 -20.03
O4 GAL E . -17.06 38.30 -19.14
O5 GAL E . -17.72 36.95 -21.60
O6 GAL E . -18.75 34.61 -20.37
C1 SIA E . -13.31 37.89 -18.39
C2 SIA E . -13.31 38.95 -19.48
C3 SIA E . -12.95 40.30 -18.84
C4 SIA E . -11.48 40.36 -18.45
C5 SIA E . -10.63 40.04 -19.67
C6 SIA E . -11.01 38.66 -20.24
C7 SIA E . -10.21 38.25 -21.47
C8 SIA E . -10.76 37.00 -22.17
C9 SIA E . -9.73 36.43 -23.16
C10 SIA E . -8.21 40.27 -19.88
C11 SIA E . -6.88 40.19 -19.18
N5 SIA E . -9.26 39.99 -19.14
O1A SIA E . -13.91 38.13 -17.32
O1B SIA E . -12.73 36.80 -18.61
O4 SIA E . -11.16 41.65 -17.92
O6 SIA E . -12.41 38.64 -20.56
O7 SIA E . -10.15 39.33 -22.40
O8 SIA E . -11.05 35.98 -21.20
O9 SIA E . -10.28 35.31 -23.87
O10 SIA E . -8.29 40.58 -21.06
C1 NAG F . 12.62 -43.30 34.86
C2 NAG F . 14.05 -43.04 35.37
C3 NAG F . 14.61 -44.09 36.31
C4 NAG F . 13.52 -44.63 37.22
C5 NAG F . 12.40 -45.17 36.34
C6 NAG F . 11.33 -45.95 37.10
C7 NAG F . 14.91 -41.75 33.48
C8 NAG F . 15.88 -41.66 32.34
N2 NAG F . 14.94 -42.84 34.24
O3 NAG F . 15.63 -43.53 37.09
O4 NAG F . 14.05 -45.60 38.12
O5 NAG F . 11.80 -44.05 35.75
O6 NAG F . 10.50 -45.09 37.85
O7 NAG F . 14.13 -40.81 33.68
C1 NAG F . 13.75 -45.27 39.48
C2 NAG F . 14.23 -46.39 40.41
C3 NAG F . 14.16 -45.98 41.90
C4 NAG F . 14.61 -44.55 42.16
C5 NAG F . 13.94 -43.60 41.16
C6 NAG F . 14.31 -42.13 41.36
C7 NAG F . 13.66 -48.44 39.20
C8 NAG F . 12.78 -49.65 39.11
N2 NAG F . 13.44 -47.59 40.21
O3 NAG F . 14.92 -46.90 42.65
O4 NAG F . 14.28 -44.16 43.49
O5 NAG F . 14.32 -44.03 39.86
O6 NAG F . 15.64 -41.90 40.94
O7 NAG F . 14.54 -48.26 38.36
C1 BMA F . 15.31 -44.49 44.46
C2 BMA F . 15.83 -43.20 45.10
C3 BMA F . 16.92 -43.52 46.13
C4 BMA F . 16.48 -44.61 47.10
C5 BMA F . 15.87 -45.81 46.37
C6 BMA F . 15.29 -46.82 47.36
O2 BMA F . 14.75 -42.49 45.72
O3 BMA F . 17.26 -42.33 46.86
O4 BMA F . 17.62 -45.03 47.86
O5 BMA F . 14.84 -45.36 45.48
O6 BMA F . 14.81 -47.96 46.66
C1 NAG G . -13.12 -23.59 26.14
C2 NAG G . -14.02 -22.57 26.83
C3 NAG G . -13.25 -21.44 27.53
C4 NAG G . -12.07 -21.98 28.33
C5 NAG G . -11.25 -22.96 27.49
C6 NAG G . -10.10 -23.56 28.29
C7 NAG G . -16.26 -22.37 25.89
C8 NAG G . -17.15 -21.71 24.87
N2 NAG G . -14.98 -22.00 25.89
O3 NAG G . -14.11 -20.74 28.40
O4 NAG G . -11.26 -20.89 28.76
O5 NAG G . -12.08 -24.00 27.02
O6 NAG G . -8.90 -23.45 27.56
O7 NAG G . -16.74 -23.20 26.65
C1 NAG H . -2.72 -0.99 17.40
C2 NAG H . -2.34 0.08 18.41
C3 NAG H . -1.70 -0.58 19.63
C4 NAG H . -2.58 -1.69 20.19
C5 NAG H . -3.14 -2.61 19.10
C6 NAG H . -4.23 -3.54 19.63
C7 NAG H . -1.93 2.28 17.38
C8 NAG H . -0.93 3.24 16.83
N2 NAG H . -1.47 1.10 17.85
O3 NAG H . -1.47 0.38 20.63
O4 NAG H . -1.84 -2.47 21.11
O5 NAG H . -3.66 -1.84 18.04
O6 NAG H . -3.93 -4.86 19.29
O7 NAG H . -3.13 2.57 17.39
S1 MPO I . -8.96 -43.09 27.55
O1 MPO I . -9.89 -42.56 26.58
O2 MPO I . -9.68 -43.90 28.49
O4 MPO I . -12.12 -47.36 23.85
N1 MPO I . -10.07 -45.91 24.48
C1 MPO I . -7.81 -44.00 26.76
O3 MPO I . -8.26 -41.86 28.35
C2 MPO I . -8.40 -45.27 26.15
C3 MPO I . -8.94 -45.01 24.75
C4 MPO I . -10.25 -46.06 23.03
C5 MPO I . -11.62 -46.67 22.72
C6 MPO I . -12.43 -46.46 24.92
C7 MPO I . -11.33 -45.39 25.05
#